data_5TM6
#
_entry.id   5TM6
#
_cell.length_a   54.529
_cell.length_b   81.603
_cell.length_c   58.251
_cell.angle_alpha   90.000
_cell.angle_beta   110.970
_cell.angle_gamma   90.000
#
_symmetry.space_group_name_H-M   'P 1 21 1'
#
loop_
_entity.id
_entity.type
_entity.pdbx_description
1 polymer 'Estrogen receptor'
2 polymer 'Nuclear receptor coactivator 2'
3 non-polymer '6-{4-[(1S,4S,6R)-6-[(4-bromophenoxy)sulfonyl]-3-(4-hydroxyphenyl)-7-oxabicyclo[2.2.1]hept-2-en-2-yl]phenoxy}hexanoic acid'
4 water water
#
loop_
_entity_poly.entity_id
_entity_poly.type
_entity_poly.pdbx_seq_one_letter_code
_entity_poly.pdbx_strand_id
1 'polypeptide(L)'
;IKRSKKNSLALSLTADQMVSALLDAEPPILYSEYDPTRPFSEASMMGLLTNLADRELVHMINWAKRVPGFVDLTLHDQVH
LLECAWLEILMIGLVWRSMEHPGKLLFAPNLLLDRNQGKCVEGMVEIFDMLLATSSRFRMMNLQGEEFVCLKSIILLNSG
VYTFLSSTLKSLEEKDHIHRVLDKITDTLIHLMAKAGLTLQQQHQRLAQLLLILSHIRHMSNKGMEHLYSMKCKNVVPLS
DLLLEMLDAHRLHAPTS
;
A,B
2 'polypeptide(L)' KHKILHRLLQDSS C,D
#
loop_
_chem_comp.id
_chem_comp.type
_chem_comp.name
_chem_comp.formula
7J9 non-polymer '6-{4-[(1S,4S,6R)-6-[(4-bromophenoxy)sulfonyl]-3-(4-hydroxyphenyl)-7-oxabicyclo[2.2.1]hept-2-en-2-yl]phenoxy}hexanoic acid' 'C30 H29 Br O8 S'
#
# COMPACT_ATOMS: atom_id res chain seq x y z
N ASN A 7 -2.70 -9.86 28.89
CA ASN A 7 -1.89 -8.78 28.33
C ASN A 7 -0.55 -9.28 27.84
N SER A 8 0.05 -8.53 26.91
CA SER A 8 1.32 -8.91 26.31
C SER A 8 2.48 -8.26 27.05
N LEU A 9 3.67 -8.80 26.83
CA LEU A 9 4.90 -8.25 27.40
C LEU A 9 5.56 -7.23 26.48
N ALA A 10 4.95 -6.92 25.33
CA ALA A 10 5.57 -6.00 24.40
C ALA A 10 5.29 -4.55 24.73
N LEU A 11 4.07 -4.26 25.19
CA LEU A 11 3.68 -2.88 25.49
C LEU A 11 4.47 -2.29 26.65
N SER A 12 5.04 -3.13 27.51
CA SER A 12 5.81 -2.65 28.65
C SER A 12 7.26 -2.32 28.30
N LEU A 13 7.74 -2.76 27.14
CA LEU A 13 9.13 -2.53 26.78
C LEU A 13 9.40 -1.06 26.49
N THR A 14 10.58 -0.60 26.87
CA THR A 14 11.03 0.73 26.51
C THR A 14 11.31 0.80 25.01
N ALA A 15 11.46 2.02 24.51
CA ALA A 15 11.81 2.20 23.10
C ALA A 15 13.13 1.53 22.76
N ASP A 16 14.15 1.74 23.61
CA ASP A 16 15.43 1.07 23.40
C ASP A 16 15.32 -0.43 23.61
N GLN A 17 14.48 -0.87 24.54
CA GLN A 17 14.23 -2.29 24.71
C GLN A 17 13.45 -2.88 23.55
N MET A 18 12.71 -2.05 22.81
CA MET A 18 12.02 -2.53 21.62
C MET A 18 12.99 -2.70 20.44
N VAL A 19 13.94 -1.78 20.29
CA VAL A 19 14.93 -1.89 19.22
C VAL A 19 15.83 -3.09 19.45
N SER A 20 16.28 -3.29 20.70
CA SER A 20 17.20 -4.39 20.99
C SER A 20 16.54 -5.73 20.72
N ALA A 21 15.24 -5.85 21.01
CA ALA A 21 14.53 -7.10 20.72
C ALA A 21 14.44 -7.33 19.21
N LEU A 22 14.19 -6.28 18.44
CA LEU A 22 14.08 -6.42 16.99
C LEU A 22 15.43 -6.65 16.33
N LEU A 23 16.47 -5.93 16.78
CA LEU A 23 17.80 -6.13 16.22
C LEU A 23 18.30 -7.54 16.49
N ASP A 24 18.11 -8.04 17.71
CA ASP A 24 18.57 -9.38 18.04
C ASP A 24 17.77 -10.45 17.31
N ALA A 25 16.49 -10.19 17.02
CA ALA A 25 15.65 -11.13 16.31
C ALA A 25 15.88 -11.12 14.81
N GLU A 26 16.73 -10.23 14.31
CA GLU A 26 16.89 -10.06 12.87
C GLU A 26 17.31 -11.37 12.21
N PRO A 27 16.68 -11.76 11.11
CA PRO A 27 17.06 -13.01 10.45
C PRO A 27 18.39 -12.85 9.75
N PRO A 28 19.10 -13.94 9.51
CA PRO A 28 20.41 -13.84 8.86
C PRO A 28 20.29 -13.67 7.35
N ILE A 29 21.39 -13.21 6.76
CA ILE A 29 21.48 -13.09 5.31
C ILE A 29 21.95 -14.44 4.77
N LEU A 30 21.08 -15.08 4.01
CA LEU A 30 21.37 -16.39 3.43
C LEU A 30 22.09 -16.23 2.10
N TYR A 31 22.67 -17.33 1.64
CA TYR A 31 23.44 -17.34 0.40
C TYR A 31 22.69 -18.10 -0.68
N SER A 32 22.95 -17.73 -1.93
CA SER A 32 22.37 -18.43 -3.06
C SER A 32 23.18 -19.69 -3.38
N GLU A 33 22.57 -20.56 -4.18
CA GLU A 33 23.27 -21.75 -4.65
C GLU A 33 24.41 -21.32 -5.58
N TYR A 34 25.59 -21.89 -5.32
CA TYR A 34 26.80 -21.47 -6.03
C TYR A 34 26.86 -22.09 -7.42
N ASP A 35 27.92 -21.74 -8.16
CA ASP A 35 28.16 -22.21 -9.52
C ASP A 35 26.97 -21.92 -10.41
N PRO A 36 26.69 -20.65 -10.74
CA PRO A 36 25.53 -20.28 -11.57
C PRO A 36 25.61 -20.86 -12.98
N PRO A 39 25.82 -16.55 -17.12
CA PRO A 39 24.52 -15.93 -17.42
C PRO A 39 23.34 -16.81 -17.01
N PHE A 40 22.18 -16.20 -16.80
CA PHE A 40 21.00 -16.90 -16.31
C PHE A 40 19.92 -16.97 -17.37
N SER A 41 19.06 -17.96 -17.25
CA SER A 41 17.88 -18.12 -18.09
C SER A 41 16.63 -17.85 -17.25
N GLU A 42 15.47 -18.00 -17.88
CA GLU A 42 14.21 -17.82 -17.18
C GLU A 42 14.01 -18.89 -16.10
N ALA A 43 14.41 -20.13 -16.39
CA ALA A 43 14.19 -21.22 -15.45
C ALA A 43 15.25 -21.26 -14.37
N SER A 44 16.51 -20.96 -14.70
CA SER A 44 17.58 -21.06 -13.72
C SER A 44 17.49 -19.93 -12.70
N MET A 45 17.16 -18.71 -13.14
CA MET A 45 17.06 -17.60 -12.21
C MET A 45 15.86 -17.76 -11.28
N MET A 46 14.71 -18.16 -11.82
CA MET A 46 13.56 -18.39 -10.96
C MET A 46 13.78 -19.57 -10.01
N GLY A 47 14.60 -20.54 -10.43
CA GLY A 47 14.97 -21.60 -9.51
C GLY A 47 15.81 -21.09 -8.34
N LEU A 48 16.80 -20.25 -8.64
CA LEU A 48 17.63 -19.68 -7.58
C LEU A 48 16.79 -18.82 -6.64
N LEU A 49 15.94 -17.96 -7.19
CA LEU A 49 15.13 -17.08 -6.35
C LEU A 49 14.14 -17.86 -5.52
N THR A 50 13.54 -18.91 -6.10
CA THR A 50 12.59 -19.73 -5.35
C THR A 50 13.28 -20.44 -4.19
N ASN A 51 14.44 -21.04 -4.44
CA ASN A 51 15.14 -21.76 -3.39
C ASN A 51 15.61 -20.81 -2.29
N LEU A 52 16.07 -19.62 -2.66
CA LEU A 52 16.45 -18.62 -1.68
C LEU A 52 15.25 -18.15 -0.86
N ALA A 53 14.13 -17.89 -1.54
CA ALA A 53 12.93 -17.42 -0.85
C ALA A 53 12.37 -18.52 0.05
N ASP A 54 12.39 -19.77 -0.40
CA ASP A 54 11.88 -20.86 0.41
C ASP A 54 12.67 -21.01 1.70
N ARG A 55 13.99 -20.79 1.64
CA ARG A 55 14.81 -20.88 2.83
C ARG A 55 14.65 -19.66 3.73
N GLU A 56 14.34 -18.49 3.14
CA GLU A 56 14.14 -17.30 3.97
C GLU A 56 12.83 -17.36 4.74
N LEU A 57 11.80 -17.98 4.15
CA LEU A 57 10.52 -18.13 4.84
C LEU A 57 10.71 -18.76 6.21
N VAL A 58 11.55 -19.78 6.31
CA VAL A 58 11.73 -20.50 7.56
C VAL A 58 12.36 -19.59 8.62
N HIS A 59 13.33 -18.76 8.21
CA HIS A 59 13.91 -17.81 9.15
C HIS A 59 12.92 -16.71 9.51
N MET A 60 12.15 -16.24 8.52
CA MET A 60 11.16 -15.20 8.78
C MET A 60 10.15 -15.64 9.82
N ILE A 61 9.63 -16.86 9.67
CA ILE A 61 8.65 -17.39 10.62
C ILE A 61 9.21 -17.36 12.04
N ASN A 62 10.46 -17.77 12.21
CA ASN A 62 11.08 -17.70 13.52
C ASN A 62 11.43 -16.27 13.91
N TRP A 63 11.70 -15.40 12.93
CA TRP A 63 11.86 -13.99 13.24
C TRP A 63 10.55 -13.38 13.70
N ALA A 64 9.43 -13.84 13.15
CA ALA A 64 8.13 -13.31 13.55
C ALA A 64 7.81 -13.65 15.01
N LYS A 65 8.17 -14.86 15.44
CA LYS A 65 7.92 -15.25 16.82
C LYS A 65 8.65 -14.32 17.79
N ARG A 66 9.90 -13.99 17.50
CA ARG A 66 10.68 -13.11 18.35
C ARG A 66 10.31 -11.64 18.19
N VAL A 67 9.34 -11.31 17.35
CA VAL A 67 8.84 -9.93 17.28
C VAL A 67 7.95 -9.67 18.48
N PRO A 68 8.20 -8.61 19.25
CA PRO A 68 7.42 -8.38 20.47
C PRO A 68 5.93 -8.22 20.19
N GLY A 69 5.12 -9.03 20.86
CA GLY A 69 3.68 -9.01 20.71
C GLY A 69 3.12 -10.01 19.73
N PHE A 70 3.94 -10.51 18.80
CA PHE A 70 3.43 -11.42 17.79
C PHE A 70 3.11 -12.79 18.36
N VAL A 71 3.85 -13.23 19.38
CA VAL A 71 3.57 -14.51 20.00
C VAL A 71 2.32 -14.45 20.88
N ASP A 72 1.91 -13.25 21.32
CA ASP A 72 0.71 -13.09 22.12
C ASP A 72 -0.57 -13.16 21.28
N LEU A 73 -0.45 -13.35 19.97
CA LEU A 73 -1.60 -13.51 19.11
C LEU A 73 -1.99 -14.98 19.01
N THR A 74 -3.23 -15.22 18.61
CA THR A 74 -3.67 -16.59 18.37
C THR A 74 -2.90 -17.17 17.18
N LEU A 75 -2.79 -18.51 17.17
CA LEU A 75 -2.08 -19.18 16.09
C LEU A 75 -2.73 -18.90 14.75
N HIS A 76 -4.07 -18.78 14.71
CA HIS A 76 -4.74 -18.43 13.46
C HIS A 76 -4.37 -17.03 13.01
N ASP A 77 -4.27 -16.08 13.95
CA ASP A 77 -3.91 -14.71 13.59
C ASP A 77 -2.47 -14.62 13.11
N GLN A 78 -1.56 -15.38 13.74
CA GLN A 78 -0.18 -15.39 13.28
C GLN A 78 -0.08 -15.93 11.86
N VAL A 79 -0.87 -16.95 11.54
CA VAL A 79 -0.89 -17.49 10.17
C VAL A 79 -1.38 -16.45 9.19
N HIS A 80 -2.43 -15.71 9.57
CA HIS A 80 -3.02 -14.75 8.63
C HIS A 80 -2.03 -13.62 8.32
N LEU A 81 -1.42 -13.05 9.35
CA LEU A 81 -0.50 -11.94 9.14
C LEU A 81 0.67 -12.35 8.24
N LEU A 82 1.25 -13.52 8.51
CA LEU A 82 2.37 -14.00 7.70
C LEU A 82 1.95 -14.30 6.27
N GLU A 83 0.78 -14.93 6.10
CA GLU A 83 0.31 -15.30 4.78
C GLU A 83 0.12 -14.10 3.86
N CYS A 84 -0.28 -12.97 4.43
CA CYS A 84 -0.57 -11.82 3.59
CA CYS A 84 -0.60 -11.78 3.65
C CYS A 84 0.63 -10.89 3.45
N ALA A 85 1.58 -10.97 4.38
CA ALA A 85 2.73 -10.08 4.35
C ALA A 85 4.07 -10.74 4.01
N TRP A 86 4.06 -12.04 3.69
CA TRP A 86 5.33 -12.75 3.55
C TRP A 86 6.17 -12.21 2.41
N LEU A 87 5.54 -11.84 1.30
CA LEU A 87 6.31 -11.30 0.18
C LEU A 87 6.72 -9.86 0.44
N GLU A 88 5.90 -9.08 1.14
CA GLU A 88 6.28 -7.73 1.54
C GLU A 88 7.55 -7.75 2.39
N ILE A 89 7.61 -8.65 3.37
CA ILE A 89 8.76 -8.72 4.26
C ILE A 89 10.01 -9.13 3.49
N LEU A 90 9.88 -10.14 2.62
CA LEU A 90 11.00 -10.54 1.78
C LEU A 90 11.52 -9.36 0.96
N MET A 91 10.60 -8.57 0.40
CA MET A 91 11.02 -7.48 -0.48
C MET A 91 11.68 -6.34 0.28
N ILE A 92 11.15 -5.97 1.44
CA ILE A 92 11.79 -4.91 2.21
C ILE A 92 13.13 -5.35 2.77
N GLY A 93 13.36 -6.67 2.88
CA GLY A 93 14.70 -7.13 3.21
C GLY A 93 15.65 -7.01 2.04
N LEU A 94 15.21 -7.43 0.86
CA LEU A 94 16.00 -7.26 -0.36
C LEU A 94 16.34 -5.79 -0.60
N VAL A 95 15.33 -4.92 -0.50
CA VAL A 95 15.55 -3.49 -0.70
C VAL A 95 16.55 -2.95 0.31
N TRP A 96 16.50 -3.46 1.55
CA TRP A 96 17.46 -3.05 2.56
C TRP A 96 18.86 -3.53 2.23
N ARG A 97 19.00 -4.79 1.82
CA ARG A 97 20.32 -5.33 1.48
C ARG A 97 20.90 -4.62 0.27
N SER A 98 20.07 -4.31 -0.71
CA SER A 98 20.51 -3.68 -1.94
C SER A 98 20.81 -2.19 -1.78
N MET A 99 20.64 -1.65 -0.57
CA MET A 99 20.72 -0.21 -0.37
C MET A 99 22.10 0.33 -0.76
N GLU A 100 23.16 -0.29 -0.25
CA GLU A 100 24.51 0.14 -0.55
C GLU A 100 25.04 -0.44 -1.87
N HIS A 101 24.16 -0.93 -2.74
CA HIS A 101 24.52 -1.41 -4.08
C HIS A 101 23.61 -0.71 -5.08
N PRO A 102 23.86 0.57 -5.37
CA PRO A 102 22.95 1.30 -6.27
C PRO A 102 22.88 0.64 -7.64
N GLY A 103 21.66 0.61 -8.19
CA GLY A 103 21.41 -0.02 -9.47
C GLY A 103 21.37 -1.54 -9.45
N LYS A 104 21.78 -2.18 -8.35
CA LYS A 104 21.81 -3.62 -8.23
C LYS A 104 20.84 -4.07 -7.14
N LEU A 105 20.44 -5.33 -7.23
CA LEU A 105 19.63 -5.98 -6.21
C LEU A 105 20.44 -7.08 -5.55
N LEU A 106 20.72 -6.90 -4.25
CA LEU A 106 21.50 -7.87 -3.48
C LEU A 106 20.54 -8.94 -2.94
N PHE A 107 20.22 -9.90 -3.81
CA PHE A 107 19.40 -11.02 -3.39
C PHE A 107 20.13 -11.86 -2.36
N ALA A 108 21.39 -12.17 -2.62
CA ALA A 108 22.28 -12.87 -1.71
C ALA A 108 23.67 -12.28 -1.90
N PRO A 109 24.58 -12.45 -0.93
CA PRO A 109 25.93 -11.92 -1.12
C PRO A 109 26.65 -12.48 -2.33
N ASN A 110 26.22 -13.62 -2.85
CA ASN A 110 26.81 -14.23 -4.04
C ASN A 110 25.83 -14.22 -5.21
N LEU A 111 24.87 -13.28 -5.21
CA LEU A 111 23.85 -13.21 -6.25
C LEU A 111 23.39 -11.75 -6.35
N LEU A 112 24.19 -10.93 -7.00
CA LEU A 112 23.92 -9.52 -7.21
C LEU A 112 23.46 -9.32 -8.64
N LEU A 113 22.25 -8.80 -8.82
CA LEU A 113 21.62 -8.70 -10.13
C LEU A 113 21.30 -7.25 -10.47
N ASP A 114 21.35 -6.94 -11.76
CA ASP A 114 20.98 -5.63 -12.28
C ASP A 114 19.69 -5.73 -13.08
N ARG A 115 19.25 -4.58 -13.60
CA ARG A 115 18.00 -4.51 -14.35
C ARG A 115 18.03 -5.39 -15.59
N ASN A 116 19.20 -5.48 -16.25
CA ASN A 116 19.32 -6.27 -17.47
C ASN A 116 19.01 -7.74 -17.20
N GLN A 117 19.46 -8.27 -16.06
CA GLN A 117 19.24 -9.68 -15.78
C GLN A 117 17.78 -9.98 -15.45
N GLY A 118 17.04 -8.99 -14.98
CA GLY A 118 15.61 -9.17 -14.77
C GLY A 118 14.81 -9.36 -16.05
N LYS A 119 15.41 -9.08 -17.21
CA LYS A 119 14.70 -9.17 -18.47
C LYS A 119 14.61 -10.61 -19.00
N CYS A 120 15.38 -11.52 -18.41
CA CYS A 120 15.30 -12.92 -18.81
C CYS A 120 14.01 -13.59 -18.33
N VAL A 121 13.32 -12.96 -17.39
CA VAL A 121 12.00 -13.42 -16.97
C VAL A 121 10.97 -12.34 -17.26
N GLU A 122 9.90 -12.72 -17.95
CA GLU A 122 8.90 -11.77 -18.40
C GLU A 122 8.14 -11.19 -17.20
N GLY A 123 8.04 -9.86 -17.15
CA GLY A 123 7.38 -9.18 -16.06
C GLY A 123 8.24 -8.92 -14.85
N MET A 124 9.44 -9.51 -14.79
CA MET A 124 10.32 -9.28 -13.65
C MET A 124 11.01 -7.92 -13.73
N VAL A 125 11.18 -7.38 -14.93
CA VAL A 125 11.86 -6.09 -15.07
C VAL A 125 11.03 -4.97 -14.45
N GLU A 126 9.71 -5.06 -14.54
CA GLU A 126 8.85 -4.05 -13.92
C GLU A 126 9.05 -4.02 -12.41
N ILE A 127 8.99 -5.18 -11.77
CA ILE A 127 9.12 -5.24 -10.32
C ILE A 127 10.56 -4.95 -9.90
N PHE A 128 11.52 -5.34 -10.73
CA PHE A 128 12.92 -4.97 -10.47
C PHE A 128 13.08 -3.47 -10.36
N ASP A 129 12.52 -2.73 -11.32
CA ASP A 129 12.65 -1.27 -11.31
C ASP A 129 12.02 -0.67 -10.08
N MET A 130 10.86 -1.19 -9.66
CA MET A 130 10.24 -0.70 -8.44
C MET A 130 11.09 -1.02 -7.22
N LEU A 131 11.65 -2.22 -7.17
CA LEU A 131 12.51 -2.60 -6.04
C LEU A 131 13.77 -1.74 -6.02
N LEU A 132 14.38 -1.51 -7.18
CA LEU A 132 15.53 -0.60 -7.25
C LEU A 132 15.12 0.81 -6.83
N ALA A 133 13.95 1.27 -7.29
CA ALA A 133 13.49 2.59 -6.92
C ALA A 133 13.32 2.72 -5.41
N THR A 134 12.71 1.71 -4.78
CA THR A 134 12.58 1.73 -3.33
C THR A 134 13.94 1.77 -2.66
N SER A 135 14.90 1.00 -3.18
CA SER A 135 16.24 0.99 -2.61
C SER A 135 16.91 2.35 -2.73
N SER A 136 16.71 3.03 -3.87
CA SER A 136 17.23 4.38 -4.02
C SER A 136 16.59 5.34 -3.03
N ARG A 137 15.29 5.17 -2.78
CA ARG A 137 14.60 6.06 -1.84
C ARG A 137 15.11 5.86 -0.42
N PHE A 138 15.38 4.62 -0.02
CA PHE A 138 15.96 4.37 1.29
C PHE A 138 17.35 4.98 1.40
N ARG A 139 18.14 4.91 0.33
CA ARG A 139 19.49 5.45 0.33
C ARG A 139 19.47 6.96 0.45
N MET A 140 18.59 7.63 -0.29
CA MET A 140 18.49 9.08 -0.20
C MET A 140 17.94 9.52 1.15
N MET A 141 17.02 8.73 1.72
CA MET A 141 16.53 9.00 3.06
C MET A 141 17.52 8.62 4.14
N ASN A 142 18.60 7.91 3.79
CA ASN A 142 19.61 7.46 4.75
C ASN A 142 18.97 6.60 5.84
N LEU A 143 18.25 5.57 5.42
CA LEU A 143 17.52 4.71 6.33
C LEU A 143 18.47 3.96 7.26
N GLN A 144 18.18 3.97 8.55
CA GLN A 144 18.99 3.27 9.54
C GLN A 144 18.43 1.89 9.82
N GLY A 145 19.32 0.99 10.26
CA GLY A 145 18.92 -0.37 10.56
C GLY A 145 17.91 -0.47 11.69
N GLU A 146 17.97 0.47 12.64
CA GLU A 146 16.96 0.50 13.70
C GLU A 146 15.60 0.90 13.16
N GLU A 147 15.57 1.80 12.17
CA GLU A 147 14.31 2.17 11.54
C GLU A 147 13.78 1.04 10.66
N PHE A 148 14.68 0.31 9.99
CA PHE A 148 14.27 -0.77 9.10
C PHE A 148 13.57 -1.89 9.85
N VAL A 149 14.12 -2.30 11.00
CA VAL A 149 13.51 -3.39 11.74
C VAL A 149 12.15 -2.98 12.30
N CYS A 150 11.94 -1.68 12.53
CA CYS A 150 10.61 -1.21 12.89
C CYS A 150 9.65 -1.28 11.70
N LEU A 151 10.11 -0.82 10.53
CA LEU A 151 9.27 -0.85 9.33
C LEU A 151 8.87 -2.28 8.97
N LYS A 152 9.82 -3.20 9.04
CA LYS A 152 9.52 -4.59 8.70
C LYS A 152 8.47 -5.18 9.63
N SER A 153 8.60 -4.92 10.93
CA SER A 153 7.64 -5.46 11.89
C SER A 153 6.27 -4.79 11.74
N ILE A 154 6.25 -3.50 11.39
CA ILE A 154 4.99 -2.84 11.09
C ILE A 154 4.29 -3.53 9.93
N ILE A 155 5.05 -3.84 8.88
CA ILE A 155 4.49 -4.59 7.75
C ILE A 155 3.88 -5.91 8.23
N LEU A 156 4.54 -6.56 9.18
CA LEU A 156 4.05 -7.85 9.68
C LEU A 156 2.69 -7.69 10.34
N LEU A 157 2.54 -6.68 11.21
CA LEU A 157 1.33 -6.53 12.01
C LEU A 157 0.24 -5.74 11.29
N ASN A 158 0.59 -4.88 10.34
CA ASN A 158 -0.41 -4.02 9.74
C ASN A 158 -1.00 -4.57 8.45
N SER A 159 -0.23 -5.32 7.66
CA SER A 159 -0.68 -5.71 6.33
C SER A 159 -1.91 -6.60 6.36
N GLY A 160 -2.15 -7.31 7.46
CA GLY A 160 -3.31 -8.18 7.52
C GLY A 160 -4.23 -7.91 8.69
N VAL A 161 -4.14 -6.71 9.26
CA VAL A 161 -4.89 -6.42 10.48
C VAL A 161 -6.34 -6.05 10.16
N TYR A 162 -6.62 -5.48 8.99
CA TYR A 162 -7.97 -5.10 8.61
C TYR A 162 -8.68 -6.19 7.82
N THR A 163 -8.18 -7.42 7.87
CA THR A 163 -8.80 -8.54 7.15
C THR A 163 -9.25 -9.64 8.09
N PHE A 164 -9.36 -9.35 9.39
CA PHE A 164 -9.90 -10.27 10.37
C PHE A 164 -11.42 -10.13 10.38
N LEU A 165 -12.11 -11.11 9.80
CA LEU A 165 -13.57 -11.08 9.74
C LEU A 165 -14.19 -12.12 10.67
N LYS A 175 -8.54 -7.21 17.50
CA LYS A 175 -7.60 -6.43 16.69
C LYS A 175 -7.00 -5.29 17.51
N ASP A 176 -7.56 -5.05 18.69
CA ASP A 176 -7.07 -3.96 19.54
C ASP A 176 -5.65 -4.22 20.01
N HIS A 177 -5.26 -5.49 20.15
CA HIS A 177 -3.90 -5.79 20.59
C HIS A 177 -2.87 -5.40 19.53
N ILE A 178 -3.19 -5.63 18.26
CA ILE A 178 -2.24 -5.33 17.20
C ILE A 178 -2.01 -3.83 17.09
N HIS A 179 -3.09 -3.05 17.12
CA HIS A 179 -2.96 -1.59 17.02
C HIS A 179 -2.24 -1.01 18.23
N ARG A 180 -2.35 -1.65 19.40
CA ARG A 180 -1.58 -1.20 20.55
C ARG A 180 -0.09 -1.42 20.33
N VAL A 181 0.28 -2.55 19.72
CA VAL A 181 1.68 -2.79 19.42
C VAL A 181 2.15 -1.88 18.28
N LEU A 182 1.28 -1.64 17.29
CA LEU A 182 1.64 -0.73 16.21
C LEU A 182 1.94 0.67 16.74
N ASP A 183 1.14 1.16 17.69
CA ASP A 183 1.45 2.44 18.33
C ASP A 183 2.78 2.37 19.07
N LYS A 184 3.10 1.22 19.66
CA LYS A 184 4.36 1.08 20.37
C LYS A 184 5.54 1.19 19.41
N ILE A 185 5.40 0.65 18.20
CA ILE A 185 6.47 0.77 17.22
C ILE A 185 6.57 2.20 16.70
N THR A 186 5.44 2.90 16.60
CA THR A 186 5.49 4.31 16.24
C THR A 186 6.23 5.13 17.30
N ASP A 187 5.94 4.86 18.58
CA ASP A 187 6.70 5.49 19.65
C ASP A 187 8.18 5.18 19.53
N THR A 188 8.51 3.95 19.12
CA THR A 188 9.90 3.57 18.96
C THR A 188 10.54 4.32 17.78
N LEU A 189 9.82 4.43 16.66
CA LEU A 189 10.37 5.13 15.50
C LEU A 189 10.66 6.59 15.81
N ILE A 190 9.71 7.28 16.44
CA ILE A 190 9.92 8.67 16.83
C ILE A 190 11.09 8.78 17.80
N HIS A 191 11.17 7.85 18.76
CA HIS A 191 12.29 7.83 19.70
C HIS A 191 13.62 7.75 18.98
N LEU A 192 13.70 6.96 17.90
CA LEU A 192 14.94 6.87 17.13
C LEU A 192 15.28 8.18 16.45
N MET A 193 14.27 8.93 16.00
CA MET A 193 14.54 10.16 15.26
C MET A 193 14.89 11.31 16.20
N ALA A 194 14.18 11.44 17.32
CA ALA A 194 14.56 12.45 18.31
C ALA A 194 15.93 12.16 18.90
N LYS A 195 16.29 10.88 19.00
CA LYS A 195 17.61 10.51 19.51
C LYS A 195 18.71 10.88 18.52
N ALA A 196 18.43 10.78 17.22
CA ALA A 196 19.40 11.16 16.20
C ALA A 196 19.51 12.67 16.01
N GLY A 197 18.57 13.45 16.57
CA GLY A 197 18.68 14.89 16.58
C GLY A 197 17.74 15.65 15.66
N LEU A 198 16.72 15.00 15.11
CA LEU A 198 15.80 15.68 14.21
C LEU A 198 14.85 16.58 15.00
N THR A 199 14.50 17.72 14.40
CA THR A 199 13.51 18.59 15.02
C THR A 199 12.14 17.91 15.00
N LEU A 200 11.23 18.44 15.83
CA LEU A 200 9.87 17.89 15.91
C LEU A 200 9.23 17.85 14.53
N GLN A 201 9.35 18.94 13.77
CA GLN A 201 8.79 18.96 12.42
C GLN A 201 9.46 17.93 11.53
N GLN A 202 10.78 17.76 11.67
CA GLN A 202 11.48 16.75 10.88
C GLN A 202 11.09 15.34 11.30
N GLN A 203 10.70 15.15 12.57
CA GLN A 203 10.36 13.81 13.05
C GLN A 203 9.11 13.27 12.37
N HIS A 204 8.01 14.05 12.40
CA HIS A 204 6.77 13.56 11.80
C HIS A 204 6.81 13.57 10.28
N GLN A 205 7.69 14.37 9.68
CA GLN A 205 7.85 14.31 8.23
C GLN A 205 8.59 13.04 7.81
N ARG A 206 9.70 12.73 8.48
CA ARG A 206 10.41 11.49 8.18
C ARG A 206 9.56 10.28 8.52
N LEU A 207 8.79 10.36 9.60
CA LEU A 207 7.84 9.30 9.92
C LEU A 207 6.88 9.05 8.76
N ALA A 208 6.29 10.12 8.24
CA ALA A 208 5.32 9.98 7.15
C ALA A 208 5.96 9.44 5.88
N GLN A 209 7.18 9.89 5.57
CA GLN A 209 7.85 9.41 4.36
C GLN A 209 8.13 7.92 4.44
N LEU A 210 8.56 7.43 5.61
CA LEU A 210 8.83 6.01 5.77
C LEU A 210 7.57 5.19 5.59
N LEU A 211 6.46 5.63 6.19
CA LEU A 211 5.23 4.84 6.12
C LEU A 211 4.60 4.91 4.74
N LEU A 212 4.81 5.99 4.00
CA LEU A 212 4.29 6.07 2.65
C LEU A 212 4.99 5.08 1.71
N ILE A 213 6.28 4.83 1.94
CA ILE A 213 7.00 3.83 1.15
C ILE A 213 6.41 2.44 1.38
N LEU A 214 5.81 2.21 2.55
CA LEU A 214 5.16 0.93 2.81
C LEU A 214 3.98 0.69 1.88
N SER A 215 3.35 1.75 1.40
CA SER A 215 2.29 1.59 0.42
C SER A 215 2.83 1.02 -0.89
N HIS A 216 4.01 1.50 -1.31
CA HIS A 216 4.61 1.00 -2.55
CA HIS A 216 4.56 0.98 -2.56
C HIS A 216 5.14 -0.42 -2.38
N ILE A 217 5.68 -0.73 -1.19
CA ILE A 217 6.12 -2.09 -0.92
C ILE A 217 4.95 -3.05 -1.02
N ARG A 218 3.78 -2.64 -0.52
CA ARG A 218 2.57 -3.43 -0.70
C ARG A 218 2.20 -3.55 -2.17
N HIS A 219 2.28 -2.44 -2.90
CA HIS A 219 2.03 -2.48 -4.35
C HIS A 219 2.97 -3.47 -5.03
N MET A 220 4.26 -3.42 -4.70
CA MET A 220 5.21 -4.35 -5.30
C MET A 220 4.87 -5.79 -4.96
N SER A 221 4.44 -6.06 -3.72
CA SER A 221 4.08 -7.41 -3.34
C SER A 221 2.87 -7.91 -4.14
N ASN A 222 1.88 -7.05 -4.34
CA ASN A 222 0.69 -7.45 -5.09
C ASN A 222 1.05 -7.75 -6.55
N LYS A 223 1.73 -6.82 -7.22
CA LYS A 223 2.17 -7.06 -8.58
C LYS A 223 3.07 -8.29 -8.67
N GLY A 224 3.86 -8.54 -7.63
CA GLY A 224 4.70 -9.73 -7.62
C GLY A 224 3.91 -11.00 -7.38
N MET A 225 2.95 -10.94 -6.45
CA MET A 225 2.11 -12.11 -6.17
C MET A 225 1.35 -12.54 -7.41
N GLU A 226 0.79 -11.58 -8.15
CA GLU A 226 0.10 -11.87 -9.39
C GLU A 226 1.03 -12.59 -10.37
N HIS A 227 2.31 -12.25 -10.37
N HIS A 227 2.32 -12.23 -10.36
CA HIS A 227 3.24 -12.88 -11.30
CA HIS A 227 3.31 -12.81 -11.25
C HIS A 227 3.73 -14.24 -10.80
C HIS A 227 3.74 -14.20 -10.79
N LEU A 228 3.79 -14.43 -9.48
CA LEU A 228 4.18 -15.74 -8.97
C LEU A 228 3.07 -16.77 -9.20
N TYR A 229 1.81 -16.35 -9.17
CA TYR A 229 0.71 -17.29 -9.41
C TYR A 229 0.62 -17.68 -10.88
N SER A 230 1.05 -16.81 -11.80
CA SER A 230 1.03 -17.15 -13.21
C SER A 230 2.10 -18.19 -13.53
N MET A 231 3.25 -18.13 -12.87
CA MET A 231 4.33 -19.07 -13.15
C MET A 231 4.08 -20.43 -12.51
N LYS A 232 3.33 -20.47 -11.41
CA LYS A 232 2.90 -21.74 -10.84
C LYS A 232 1.85 -22.35 -11.76
N CYS A 233 1.23 -21.49 -12.57
CA CYS A 233 0.25 -21.92 -13.54
C CYS A 233 0.93 -22.17 -14.89
N LYS A 234 2.16 -21.68 -15.02
CA LYS A 234 2.96 -21.91 -16.22
C LYS A 234 3.97 -23.02 -15.98
N ASN A 235 4.15 -23.39 -14.70
CA ASN A 235 5.05 -24.46 -14.29
C ASN A 235 6.48 -24.22 -14.78
N VAL A 236 6.94 -22.97 -14.62
CA VAL A 236 8.30 -22.64 -15.06
C VAL A 236 9.33 -23.30 -14.15
N VAL A 237 9.06 -23.36 -12.86
CA VAL A 237 9.96 -23.98 -11.89
C VAL A 237 9.10 -24.64 -10.82
N PRO A 238 9.40 -25.87 -10.40
CA PRO A 238 8.63 -26.51 -9.33
C PRO A 238 8.83 -25.78 -8.01
N LEU A 239 7.73 -25.28 -7.45
CA LEU A 239 7.77 -24.56 -6.18
C LEU A 239 7.54 -25.52 -5.02
N SER A 240 8.05 -25.14 -3.85
CA SER A 240 7.93 -25.97 -2.67
C SER A 240 6.49 -25.94 -2.14
N ASP A 241 6.20 -26.87 -1.23
CA ASP A 241 4.86 -26.96 -0.66
C ASP A 241 4.55 -25.74 0.22
N LEU A 242 5.51 -25.33 1.06
CA LEU A 242 5.29 -24.17 1.91
C LEU A 242 5.11 -22.91 1.07
N LEU A 243 5.92 -22.75 0.03
CA LEU A 243 5.80 -21.57 -0.83
C LEU A 243 4.51 -21.58 -1.63
N LEU A 244 4.00 -22.77 -1.96
CA LEU A 244 2.71 -22.85 -2.65
C LEU A 244 1.56 -22.56 -1.70
N GLU A 245 1.68 -22.94 -0.42
CA GLU A 245 0.66 -22.57 0.54
C GLU A 245 0.67 -21.08 0.83
N MET A 246 1.85 -20.44 0.75
CA MET A 246 1.91 -18.99 0.87
C MET A 246 1.29 -18.32 -0.35
N LEU A 247 1.51 -18.89 -1.54
CA LEU A 247 0.97 -18.31 -2.76
C LEU A 247 -0.54 -18.52 -2.85
N ASP A 248 -1.00 -19.73 -2.54
CA ASP A 248 -2.43 -20.04 -2.62
C ASP A 248 -3.24 -19.19 -1.65
N ALA A 249 -2.61 -18.73 -0.57
CA ALA A 249 -3.29 -17.88 0.41
C ALA A 249 -3.70 -16.53 -0.13
N HIS A 250 -3.37 -16.22 -1.39
CA HIS A 250 -3.77 -14.97 -2.02
C HIS A 250 -4.73 -15.20 -3.20
N ARG A 251 -5.26 -16.41 -3.35
CA ARG A 251 -6.16 -16.77 -4.44
C ARG A 251 -5.57 -16.42 -5.80
N ASN B 7 7.74 30.59 -8.47
CA ASN B 7 8.03 29.47 -7.59
C ASN B 7 6.93 28.41 -7.67
N SER B 8 6.10 28.34 -6.63
CA SER B 8 5.01 27.38 -6.59
C SER B 8 3.96 27.88 -5.60
N LEU B 9 2.70 27.56 -5.89
CA LEU B 9 1.60 27.99 -5.04
C LEU B 9 1.35 27.04 -3.88
N ALA B 10 1.83 25.80 -3.97
CA ALA B 10 1.60 24.84 -2.89
C ALA B 10 2.55 25.06 -1.73
N LEU B 11 3.83 25.32 -2.02
CA LEU B 11 4.81 25.53 -0.97
C LEU B 11 4.60 26.82 -0.20
N SER B 12 3.76 27.73 -0.71
CA SER B 12 3.48 28.99 -0.02
C SER B 12 2.25 28.92 0.86
N LEU B 13 1.41 27.89 0.69
CA LEU B 13 0.19 27.79 1.46
C LEU B 13 0.50 27.46 2.93
N THR B 14 -0.31 28.01 3.82
CA THR B 14 -0.21 27.67 5.23
C THR B 14 -1.05 26.43 5.51
N ALA B 15 -1.02 25.96 6.76
CA ALA B 15 -1.76 24.75 7.12
C ALA B 15 -3.26 24.97 6.98
N ASP B 16 -3.77 26.10 7.48
CA ASP B 16 -5.20 26.37 7.38
C ASP B 16 -5.61 26.65 5.94
N GLN B 17 -4.75 27.31 5.17
CA GLN B 17 -5.04 27.53 3.76
C GLN B 17 -4.98 26.23 2.96
N MET B 18 -4.12 25.30 3.37
CA MET B 18 -4.10 23.97 2.78
C MET B 18 -5.44 23.27 2.99
N VAL B 19 -5.94 23.31 4.23
CA VAL B 19 -7.24 22.69 4.54
C VAL B 19 -8.35 23.34 3.72
N SER B 20 -8.35 24.67 3.64
CA SER B 20 -9.39 25.38 2.90
C SER B 20 -9.38 24.96 1.44
N ALA B 21 -8.20 24.99 0.80
CA ALA B 21 -8.11 24.64 -0.61
C ALA B 21 -8.64 23.24 -0.87
N LEU B 22 -8.18 22.26 -0.09
CA LEU B 22 -8.62 20.88 -0.27
C LEU B 22 -10.13 20.74 -0.04
N LEU B 23 -10.63 21.31 1.07
CA LEU B 23 -12.06 21.27 1.33
C LEU B 23 -12.83 21.94 0.20
N ASP B 24 -12.34 23.07 -0.31
CA ASP B 24 -13.00 23.76 -1.40
C ASP B 24 -12.94 22.98 -2.70
N ALA B 25 -11.97 22.07 -2.84
CA ALA B 25 -11.79 21.29 -4.05
C ALA B 25 -12.65 20.04 -4.09
N GLU B 26 -13.36 19.73 -3.01
CA GLU B 26 -14.07 18.45 -2.92
C GLU B 26 -15.06 18.28 -4.05
N PRO B 27 -15.00 17.18 -4.80
CA PRO B 27 -16.01 16.91 -5.81
C PRO B 27 -17.33 16.57 -5.17
N PRO B 28 -18.43 16.62 -5.91
CA PRO B 28 -19.73 16.31 -5.33
C PRO B 28 -19.96 14.80 -5.24
N ILE B 29 -21.00 14.44 -4.49
CA ILE B 29 -21.39 13.04 -4.31
C ILE B 29 -22.44 12.74 -5.36
N LEU B 30 -22.02 12.09 -6.43
CA LEU B 30 -22.91 11.81 -7.55
C LEU B 30 -23.96 10.78 -7.17
N TYR B 31 -25.04 10.76 -7.95
CA TYR B 31 -26.11 9.78 -7.76
C TYR B 31 -25.97 8.65 -8.78
N SER B 32 -26.70 7.57 -8.51
CA SER B 32 -26.74 6.40 -9.37
C SER B 32 -28.11 6.26 -10.02
N GLU B 33 -28.14 5.52 -11.13
CA GLU B 33 -29.38 5.19 -11.81
C GLU B 33 -30.04 3.95 -11.23
N TYR B 34 -29.78 3.65 -9.96
CA TYR B 34 -30.31 2.44 -9.35
C TYR B 34 -31.82 2.53 -9.19
N ASP B 35 -32.52 1.47 -9.59
CA ASP B 35 -33.96 1.37 -9.44
C ASP B 35 -34.29 0.29 -8.42
N PRO B 36 -34.75 0.64 -7.22
CA PRO B 36 -35.04 -0.39 -6.22
C PRO B 36 -36.19 -1.31 -6.62
N THR B 37 -37.09 -0.87 -7.49
CA THR B 37 -38.17 -1.73 -7.96
C THR B 37 -37.67 -2.85 -8.84
N ARG B 38 -36.50 -2.68 -9.46
CA ARG B 38 -35.91 -3.72 -10.29
C ARG B 38 -34.82 -4.43 -9.50
N PRO B 39 -35.00 -5.70 -9.12
CA PRO B 39 -33.92 -6.42 -8.42
C PRO B 39 -32.73 -6.65 -9.34
N PHE B 40 -31.73 -5.79 -9.23
CA PHE B 40 -30.60 -5.82 -10.14
C PHE B 40 -29.81 -7.13 -9.98
N SER B 41 -29.40 -7.69 -11.10
CA SER B 41 -28.60 -8.91 -11.11
C SER B 41 -27.13 -8.56 -10.94
N GLU B 42 -26.25 -9.54 -11.15
CA GLU B 42 -24.82 -9.30 -11.05
C GLU B 42 -24.34 -8.36 -12.16
N ALA B 43 -24.72 -8.66 -13.41
CA ALA B 43 -24.28 -7.85 -14.52
C ALA B 43 -24.90 -6.45 -14.50
N SER B 44 -26.13 -6.33 -13.98
CA SER B 44 -26.76 -5.01 -13.89
C SER B 44 -26.16 -4.20 -12.75
N MET B 45 -25.87 -4.84 -11.62
CA MET B 45 -25.20 -4.14 -10.52
C MET B 45 -23.81 -3.68 -10.93
N MET B 46 -23.13 -4.43 -11.79
CA MET B 46 -21.84 -3.98 -12.32
C MET B 46 -22.01 -2.76 -13.21
N GLY B 47 -23.10 -2.70 -13.97
CA GLY B 47 -23.33 -1.53 -14.81
C GLY B 47 -23.51 -0.26 -14.00
N LEU B 48 -24.20 -0.35 -12.86
CA LEU B 48 -24.38 0.81 -12.01
C LEU B 48 -23.05 1.33 -11.48
N LEU B 49 -22.21 0.43 -10.97
CA LEU B 49 -20.93 0.86 -10.41
C LEU B 49 -19.99 1.35 -11.49
N THR B 50 -20.03 0.75 -12.68
CA THR B 50 -19.18 1.21 -13.78
C THR B 50 -19.65 2.58 -14.29
N ASN B 51 -20.96 2.76 -14.42
CA ASN B 51 -21.49 4.05 -14.82
C ASN B 51 -21.19 5.12 -13.78
N LEU B 52 -21.31 4.78 -12.50
CA LEU B 52 -21.04 5.75 -11.44
C LEU B 52 -19.56 6.10 -11.37
N ALA B 53 -18.68 5.10 -11.45
CA ALA B 53 -17.25 5.37 -11.39
C ALA B 53 -16.78 6.15 -12.60
N ASP B 54 -17.44 5.98 -13.74
CA ASP B 54 -17.06 6.73 -14.94
C ASP B 54 -17.34 8.22 -14.77
N ARG B 55 -18.49 8.56 -14.19
CA ARG B 55 -18.81 9.96 -13.97
C ARG B 55 -17.99 10.54 -12.82
N GLU B 56 -17.59 9.70 -11.85
CA GLU B 56 -16.75 10.18 -10.76
C GLU B 56 -15.34 10.50 -11.24
N LEU B 57 -14.82 9.76 -12.23
CA LEU B 57 -13.49 10.04 -12.74
C LEU B 57 -13.40 11.45 -13.30
N VAL B 58 -14.46 11.92 -13.95
CA VAL B 58 -14.45 13.26 -14.55
C VAL B 58 -14.31 14.32 -13.46
N HIS B 59 -14.99 14.13 -12.33
CA HIS B 59 -14.85 15.07 -11.22
C HIS B 59 -13.49 14.92 -10.55
N MET B 60 -12.99 13.68 -10.46
CA MET B 60 -11.68 13.45 -9.85
C MET B 60 -10.58 14.12 -10.67
N ILE B 61 -10.68 14.05 -12.00
CA ILE B 61 -9.67 14.65 -12.87
C ILE B 61 -9.63 16.16 -12.68
N ASN B 62 -10.80 16.79 -12.56
CA ASN B 62 -10.83 18.22 -12.29
C ASN B 62 -10.60 18.55 -10.83
N TRP B 63 -10.78 17.58 -9.93
CA TRP B 63 -10.40 17.81 -8.54
C TRP B 63 -8.89 17.79 -8.38
N ALA B 64 -8.21 16.88 -9.08
CA ALA B 64 -6.75 16.82 -9.01
C ALA B 64 -6.12 18.14 -9.43
N LYS B 65 -6.74 18.84 -10.39
CA LYS B 65 -6.22 20.15 -10.78
C LYS B 65 -6.23 21.12 -9.60
N ARG B 66 -7.27 21.06 -8.78
CA ARG B 66 -7.40 21.95 -7.63
C ARG B 66 -6.49 21.57 -6.48
N VAL B 67 -5.91 20.37 -6.50
CA VAL B 67 -5.00 19.95 -5.42
C VAL B 67 -3.70 20.74 -5.52
N PRO B 68 -3.23 21.36 -4.43
CA PRO B 68 -2.02 22.19 -4.53
C PRO B 68 -0.82 21.37 -4.97
N GLY B 69 -0.06 21.94 -5.91
CA GLY B 69 1.14 21.33 -6.45
C GLY B 69 0.91 20.46 -7.67
N PHE B 70 -0.30 19.93 -7.83
CA PHE B 70 -0.55 18.99 -8.92
C PHE B 70 -0.42 19.66 -10.28
N VAL B 71 -0.88 20.91 -10.39
CA VAL B 71 -0.77 21.63 -11.66
C VAL B 71 0.66 22.05 -11.94
N ASP B 72 1.52 22.09 -10.91
CA ASP B 72 2.93 22.38 -11.07
C ASP B 72 3.74 21.16 -11.50
N LEU B 73 3.10 20.20 -12.14
CA LEU B 73 3.77 19.01 -12.68
C LEU B 73 3.50 18.93 -14.17
N THR B 74 4.31 18.12 -14.86
CA THR B 74 4.12 17.93 -16.29
C THR B 74 2.84 17.16 -16.56
N LEU B 75 2.36 17.26 -17.79
CA LEU B 75 1.13 16.56 -18.18
C LEU B 75 1.33 15.05 -18.11
N HIS B 76 2.51 14.57 -18.51
CA HIS B 76 2.78 13.14 -18.43
C HIS B 76 2.83 12.65 -16.99
N ASP B 77 3.32 13.48 -16.07
CA ASP B 77 3.30 13.11 -14.66
C ASP B 77 1.88 13.10 -14.11
N GLN B 78 1.06 14.09 -14.50
CA GLN B 78 -0.33 14.12 -14.06
C GLN B 78 -1.09 12.90 -14.56
N VAL B 79 -0.85 12.50 -15.81
CA VAL B 79 -1.47 11.30 -16.35
C VAL B 79 -1.02 10.07 -15.58
N HIS B 80 0.26 10.01 -15.22
CA HIS B 80 0.77 8.84 -14.52
C HIS B 80 0.14 8.70 -13.14
N LEU B 81 0.11 9.79 -12.36
CA LEU B 81 -0.40 9.72 -10.99
C LEU B 81 -1.85 9.26 -10.98
N LEU B 82 -2.69 9.83 -11.83
CA LEU B 82 -4.10 9.49 -11.83
C LEU B 82 -4.33 8.05 -12.28
N GLU B 83 -3.62 7.60 -13.32
CA GLU B 83 -3.78 6.25 -13.82
C GLU B 83 -3.45 5.22 -12.74
N CYS B 84 -2.57 5.59 -11.84
CA CYS B 84 -2.15 4.69 -10.78
C CYS B 84 -3.07 4.75 -9.56
N ALA B 85 -3.69 5.91 -9.33
CA ALA B 85 -4.39 6.14 -8.07
C ALA B 85 -5.90 6.29 -8.19
N TRP B 86 -6.46 6.16 -9.39
CA TRP B 86 -7.87 6.49 -9.59
C TRP B 86 -8.77 5.57 -8.76
N LEU B 87 -8.52 4.26 -8.80
CA LEU B 87 -9.34 3.35 -8.00
C LEU B 87 -9.05 3.51 -6.51
N GLU B 88 -7.84 3.90 -6.15
CA GLU B 88 -7.54 4.19 -4.75
C GLU B 88 -8.33 5.38 -4.26
N ILE B 89 -8.39 6.44 -5.07
CA ILE B 89 -9.11 7.65 -4.66
C ILE B 89 -10.61 7.39 -4.62
N LEU B 90 -11.13 6.67 -5.62
CA LEU B 90 -12.53 6.26 -5.58
C LEU B 90 -12.83 5.45 -4.33
N MET B 91 -11.94 4.52 -3.98
CA MET B 91 -12.20 3.63 -2.85
C MET B 91 -12.19 4.38 -1.53
N ILE B 92 -11.23 5.30 -1.33
CA ILE B 92 -11.19 6.02 -0.06
C ILE B 92 -12.35 7.01 0.04
N GLY B 93 -12.80 7.55 -1.10
CA GLY B 93 -14.01 8.35 -1.08
C GLY B 93 -15.22 7.53 -0.69
N LEU B 94 -15.34 6.33 -1.27
CA LEU B 94 -16.44 5.43 -0.91
C LEU B 94 -16.39 5.07 0.57
N VAL B 95 -15.20 4.74 1.08
CA VAL B 95 -15.05 4.39 2.49
C VAL B 95 -15.44 5.57 3.37
N TRP B 96 -15.14 6.79 2.92
CA TRP B 96 -15.50 7.98 3.69
C TRP B 96 -17.01 8.18 3.71
N ARG B 97 -17.67 8.08 2.56
CA ARG B 97 -19.12 8.25 2.50
C ARG B 97 -19.86 7.19 3.31
N SER B 98 -19.26 6.02 3.49
CA SER B 98 -19.90 4.91 4.18
C SER B 98 -19.64 4.92 5.68
N MET B 99 -18.96 5.94 6.19
CA MET B 99 -18.43 5.90 7.55
C MET B 99 -19.54 5.77 8.59
N GLU B 100 -20.67 6.43 8.38
CA GLU B 100 -21.78 6.39 9.32
C GLU B 100 -22.88 5.42 8.88
N HIS B 101 -22.56 4.45 8.02
CA HIS B 101 -23.48 3.40 7.61
C HIS B 101 -22.84 2.05 7.90
N PRO B 102 -22.75 1.67 9.18
CA PRO B 102 -22.04 0.43 9.54
C PRO B 102 -22.63 -0.78 8.83
N GLY B 103 -21.76 -1.61 8.26
CA GLY B 103 -22.18 -2.77 7.52
C GLY B 103 -22.69 -2.51 6.13
N LYS B 104 -22.55 -1.29 5.63
CA LYS B 104 -23.02 -0.95 4.29
C LYS B 104 -22.03 -0.03 3.61
N LEU B 105 -22.08 -0.03 2.27
CA LEU B 105 -21.23 0.83 1.45
C LEU B 105 -22.12 1.82 0.70
N LEU B 106 -21.93 3.11 0.96
CA LEU B 106 -22.73 4.15 0.33
C LEU B 106 -22.08 4.55 -0.99
N PHE B 107 -22.37 3.76 -2.02
CA PHE B 107 -21.88 4.10 -3.36
C PHE B 107 -22.50 5.40 -3.84
N ALA B 108 -23.78 5.60 -3.57
CA ALA B 108 -24.49 6.83 -3.87
C ALA B 108 -25.56 7.02 -2.82
N PRO B 109 -26.02 8.25 -2.60
CA PRO B 109 -27.09 8.45 -1.60
C PRO B 109 -28.34 7.64 -1.86
N ASN B 110 -28.57 7.21 -3.10
CA ASN B 110 -29.68 6.32 -3.43
C ASN B 110 -29.23 4.89 -3.63
N LEU B 111 -27.93 4.60 -3.47
CA LEU B 111 -27.39 3.25 -3.67
C LEU B 111 -26.58 2.87 -2.43
N LEU B 112 -27.22 2.18 -1.50
CA LEU B 112 -26.58 1.70 -0.28
C LEU B 112 -26.59 0.17 -0.32
N LEU B 113 -25.42 -0.43 -0.37
CA LEU B 113 -25.29 -1.86 -0.61
C LEU B 113 -24.89 -2.61 0.67
N ASP B 114 -25.39 -3.84 0.78
CA ASP B 114 -25.10 -4.75 1.88
C ASP B 114 -24.02 -5.73 1.46
N ARG B 115 -23.40 -6.36 2.46
CA ARG B 115 -22.42 -7.41 2.17
C ARG B 115 -23.05 -8.55 1.38
N ASN B 116 -24.28 -8.92 1.73
CA ASN B 116 -24.98 -9.97 0.99
C ASN B 116 -25.24 -9.56 -0.45
N GLN B 117 -25.53 -8.27 -0.67
CA GLN B 117 -25.73 -7.77 -2.03
C GLN B 117 -24.43 -7.75 -2.82
N GLY B 118 -23.28 -7.73 -2.14
CA GLY B 118 -22.01 -7.83 -2.83
C GLY B 118 -21.69 -9.21 -3.36
N LYS B 119 -22.33 -10.24 -2.81
CA LYS B 119 -22.14 -11.60 -3.29
C LYS B 119 -22.75 -11.80 -4.67
N CYS B 120 -23.61 -10.87 -5.06
CA CYS B 120 -24.25 -10.92 -6.38
C CYS B 120 -23.23 -11.01 -7.49
N VAL B 121 -22.24 -10.13 -7.46
CA VAL B 121 -21.14 -10.18 -8.43
C VAL B 121 -20.06 -11.13 -7.92
N GLU B 122 -19.59 -11.99 -8.81
CA GLU B 122 -18.59 -12.98 -8.45
C GLU B 122 -17.25 -12.32 -8.17
N GLY B 123 -16.69 -12.61 -6.99
CA GLY B 123 -15.41 -12.05 -6.59
C GLY B 123 -15.48 -10.75 -5.84
N MET B 124 -16.67 -10.14 -5.74
CA MET B 124 -16.82 -8.87 -5.05
C MET B 124 -16.84 -9.00 -3.53
N VAL B 125 -17.11 -10.20 -3.01
CA VAL B 125 -17.32 -10.38 -1.57
C VAL B 125 -16.07 -9.96 -0.80
N GLU B 126 -14.91 -10.47 -1.22
CA GLU B 126 -13.67 -10.17 -0.50
C GLU B 126 -13.33 -8.69 -0.57
N ILE B 127 -13.58 -8.05 -1.71
CA ILE B 127 -13.27 -6.63 -1.84
C ILE B 127 -14.29 -5.79 -1.07
N PHE B 128 -15.55 -6.24 -1.01
CA PHE B 128 -16.54 -5.56 -0.19
C PHE B 128 -16.17 -5.63 1.29
N ASP B 129 -15.71 -6.79 1.75
CA ASP B 129 -15.37 -6.94 3.16
C ASP B 129 -14.18 -6.06 3.55
N MET B 130 -13.22 -5.90 2.65
CA MET B 130 -12.09 -5.03 2.93
C MET B 130 -12.52 -3.58 2.98
N LEU B 131 -13.36 -3.16 2.03
CA LEU B 131 -13.91 -1.80 2.06
C LEU B 131 -14.70 -1.56 3.33
N LEU B 132 -15.50 -2.54 3.76
CA LEU B 132 -16.27 -2.40 4.99
C LEU B 132 -15.37 -2.25 6.19
N ALA B 133 -14.31 -3.07 6.28
CA ALA B 133 -13.40 -2.98 7.41
C ALA B 133 -12.67 -1.65 7.45
N THR B 134 -12.30 -1.13 6.27
CA THR B 134 -11.69 0.19 6.20
C THR B 134 -12.64 1.27 6.70
N SER B 135 -13.92 1.16 6.35
CA SER B 135 -14.91 2.07 6.90
C SER B 135 -15.04 1.91 8.41
N SER B 136 -14.99 0.67 8.89
CA SER B 136 -15.01 0.43 10.33
C SER B 136 -13.81 1.08 11.01
N ARG B 137 -12.66 1.07 10.34
CA ARG B 137 -11.45 1.64 10.93
C ARG B 137 -11.56 3.16 11.04
N PHE B 138 -12.08 3.82 9.99
CA PHE B 138 -12.30 5.27 10.06
C PHE B 138 -13.29 5.63 11.16
N ARG B 139 -14.31 4.80 11.35
CA ARG B 139 -15.32 5.06 12.37
C ARG B 139 -14.73 4.97 13.78
N MET B 140 -13.92 3.94 14.03
CA MET B 140 -13.27 3.82 15.34
C MET B 140 -12.35 5.01 15.60
N MET B 141 -11.59 5.43 14.59
CA MET B 141 -10.70 6.56 14.73
C MET B 141 -11.43 7.90 14.79
N ASN B 142 -12.72 7.92 14.43
CA ASN B 142 -13.47 9.16 14.28
C ASN B 142 -12.72 10.11 13.34
N LEU B 143 -12.50 9.62 12.12
CA LEU B 143 -11.78 10.40 11.12
C LEU B 143 -12.53 11.68 10.80
N GLN B 144 -11.81 12.80 10.80
CA GLN B 144 -12.40 14.09 10.47
C GLN B 144 -12.28 14.35 8.97
N GLY B 145 -13.21 15.17 8.47
CA GLY B 145 -13.20 15.49 7.05
C GLY B 145 -11.93 16.20 6.62
N GLU B 146 -11.38 17.06 7.49
CA GLU B 146 -10.14 17.74 7.17
C GLU B 146 -8.97 16.77 7.07
N GLU B 147 -9.01 15.67 7.82
CA GLU B 147 -7.99 14.64 7.68
C GLU B 147 -8.21 13.79 6.43
N PHE B 148 -9.46 13.56 6.06
CA PHE B 148 -9.75 12.75 4.87
C PHE B 148 -9.24 13.42 3.60
N VAL B 149 -9.51 14.73 3.45
CA VAL B 149 -9.08 15.44 2.25
C VAL B 149 -7.56 15.45 2.16
N CYS B 150 -6.87 15.49 3.30
CA CYS B 150 -5.41 15.37 3.28
C CYS B 150 -4.99 14.00 2.80
N LEU B 151 -5.57 12.94 3.37
CA LEU B 151 -5.22 11.58 2.99
C LEU B 151 -5.49 11.34 1.51
N LYS B 152 -6.58 11.90 0.98
CA LYS B 152 -6.93 11.66 -0.42
C LYS B 152 -5.90 12.29 -1.36
N SER B 153 -5.47 13.52 -1.06
CA SER B 153 -4.48 14.16 -1.89
C SER B 153 -3.08 13.58 -1.68
N ILE B 154 -2.84 12.92 -0.55
CA ILE B 154 -1.61 12.16 -0.38
C ILE B 154 -1.58 10.96 -1.32
N ILE B 155 -2.69 10.21 -1.37
CA ILE B 155 -2.80 9.08 -2.28
C ILE B 155 -2.51 9.51 -3.72
N LEU B 156 -3.01 10.69 -4.11
CA LEU B 156 -2.80 11.16 -5.47
C LEU B 156 -1.31 11.35 -5.77
N LEU B 157 -0.59 12.00 -4.85
CA LEU B 157 0.82 12.31 -5.10
C LEU B 157 1.75 11.16 -4.77
N ASN B 158 1.30 10.15 -4.02
CA ASN B 158 2.18 9.09 -3.55
C ASN B 158 2.04 7.78 -4.31
N SER B 159 0.86 7.49 -4.87
CA SER B 159 0.66 6.16 -5.47
C SER B 159 1.42 5.97 -6.78
N GLY B 160 2.08 6.99 -7.31
CA GLY B 160 2.83 6.84 -8.53
C GLY B 160 4.16 7.57 -8.53
N VAL B 161 4.60 8.00 -7.35
CA VAL B 161 5.83 8.79 -7.28
C VAL B 161 7.08 7.92 -7.36
N TYR B 162 6.98 6.63 -7.09
CA TYR B 162 8.10 5.71 -7.24
C TYR B 162 7.96 4.81 -8.47
N THR B 163 7.10 5.20 -9.41
CA THR B 163 6.86 4.40 -10.62
C THR B 163 7.26 5.14 -11.89
N PHE B 164 7.96 6.27 -11.77
CA PHE B 164 8.42 7.00 -12.95
C PHE B 164 9.41 6.16 -13.75
N SER B 167 13.23 6.79 -13.92
CA SER B 167 13.12 8.21 -14.22
C SER B 167 14.46 8.77 -14.66
N THR B 168 14.43 9.69 -15.63
CA THR B 168 15.65 10.29 -16.15
C THR B 168 16.19 11.33 -15.17
N LEU B 169 17.31 11.94 -15.55
CA LEU B 169 17.93 12.94 -14.68
C LEU B 169 17.11 14.23 -14.63
N LYS B 170 16.42 14.57 -15.72
CA LYS B 170 15.63 15.80 -15.73
C LYS B 170 14.34 15.64 -14.93
N SER B 171 13.68 14.48 -15.08
CA SER B 171 12.44 14.21 -14.35
C SER B 171 12.67 13.92 -12.87
N LEU B 172 13.93 13.82 -12.43
CA LEU B 172 14.18 13.59 -11.01
C LEU B 172 13.83 14.82 -10.18
N GLU B 173 13.90 16.01 -10.77
CA GLU B 173 13.50 17.22 -10.05
C GLU B 173 12.02 17.21 -9.73
N GLU B 174 11.20 16.65 -10.62
CA GLU B 174 9.77 16.56 -10.37
C GLU B 174 9.47 15.65 -9.18
N LYS B 175 10.27 14.61 -8.97
CA LYS B 175 10.07 13.75 -7.82
C LYS B 175 10.31 14.50 -6.52
N ASP B 176 11.29 15.41 -6.50
CA ASP B 176 11.61 16.12 -5.27
C ASP B 176 10.53 17.15 -4.91
N HIS B 177 9.90 17.76 -5.91
CA HIS B 177 8.85 18.73 -5.62
C HIS B 177 7.59 18.05 -5.09
N ILE B 178 7.32 16.82 -5.52
CA ILE B 178 6.16 16.10 -5.02
C ILE B 178 6.31 15.81 -3.54
N HIS B 179 7.51 15.40 -3.11
CA HIS B 179 7.75 15.14 -1.70
C HIS B 179 7.67 16.42 -0.88
N ARG B 180 8.04 17.56 -1.48
CA ARG B 180 7.91 18.82 -0.77
C ARG B 180 6.45 19.14 -0.49
N VAL B 181 5.56 18.79 -1.42
CA VAL B 181 4.13 18.93 -1.17
C VAL B 181 3.67 17.87 -0.17
N LEU B 182 4.16 16.63 -0.32
CA LEU B 182 3.82 15.58 0.64
C LEU B 182 4.20 15.99 2.06
N ASP B 183 5.43 16.48 2.24
CA ASP B 183 5.84 16.97 3.55
C ASP B 183 4.97 18.13 4.02
N LYS B 184 4.44 18.93 3.09
CA LYS B 184 3.57 20.03 3.47
C LYS B 184 2.23 19.50 3.97
N ILE B 185 1.68 18.48 3.30
CA ILE B 185 0.42 17.89 3.75
C ILE B 185 0.60 17.19 5.09
N THR B 186 1.79 16.61 5.33
CA THR B 186 2.06 15.97 6.61
C THR B 186 2.04 16.99 7.75
N ASP B 187 2.64 18.16 7.53
CA ASP B 187 2.54 19.23 8.52
C ASP B 187 1.08 19.62 8.75
N THR B 188 0.28 19.61 7.67
CA THR B 188 -1.13 20.01 7.79
C THR B 188 -1.90 19.04 8.68
N LEU B 189 -1.69 17.73 8.51
CA LEU B 189 -2.33 16.75 9.37
C LEU B 189 -1.94 16.98 10.83
N ILE B 190 -0.64 17.15 11.09
CA ILE B 190 -0.17 17.39 12.46
C ILE B 190 -0.78 18.68 13.01
N HIS B 191 -0.84 19.72 12.19
CA HIS B 191 -1.51 20.96 12.58
C HIS B 191 -2.95 20.69 12.98
N LEU B 192 -3.64 19.80 12.25
CA LEU B 192 -5.02 19.47 12.56
C LEU B 192 -5.13 18.75 13.90
N MET B 193 -4.28 17.74 14.12
CA MET B 193 -4.36 16.95 15.34
C MET B 193 -3.99 17.78 16.57
N ALA B 194 -3.02 18.67 16.44
CA ALA B 194 -2.68 19.57 17.55
C ALA B 194 -3.83 20.51 17.86
N LYS B 195 -4.55 20.96 16.83
CA LYS B 195 -5.70 21.82 17.05
C LYS B 195 -6.82 21.09 17.78
N ALA B 196 -6.92 19.78 17.59
CA ALA B 196 -7.95 18.97 18.25
C ALA B 196 -7.58 18.57 19.67
N GLY B 197 -6.51 19.14 20.23
CA GLY B 197 -6.12 18.84 21.59
C GLY B 197 -5.52 17.45 21.75
N LEU B 198 -4.55 17.13 20.92
CA LEU B 198 -3.83 15.87 20.99
C LEU B 198 -2.38 16.11 21.36
N THR B 199 -1.86 15.29 22.27
CA THR B 199 -0.46 15.42 22.67
C THR B 199 0.45 15.02 21.52
N LEU B 200 1.74 15.35 21.65
CA LEU B 200 2.72 14.98 20.64
C LEU B 200 2.73 13.48 20.40
N GLN B 201 2.68 12.68 21.49
CA GLN B 201 2.63 11.24 21.34
C GLN B 201 1.36 10.81 20.62
N GLN B 202 0.24 11.47 20.91
CA GLN B 202 -1.02 11.13 20.25
C GLN B 202 -0.99 11.53 18.77
N GLN B 203 -0.39 12.68 18.46
CA GLN B 203 -0.32 13.13 17.08
C GLN B 203 0.49 12.17 16.23
N HIS B 204 1.64 11.71 16.74
CA HIS B 204 2.46 10.77 15.98
C HIS B 204 1.76 9.44 15.78
N GLN B 205 1.05 8.96 16.81
CA GLN B 205 0.34 7.68 16.70
C GLN B 205 -0.78 7.78 15.67
N ARG B 206 -1.61 8.82 15.76
CA ARG B 206 -2.72 8.96 14.82
C ARG B 206 -2.21 9.21 13.41
N LEU B 207 -1.14 10.00 13.26
CA LEU B 207 -0.54 10.20 11.95
C LEU B 207 -0.11 8.88 11.33
N ALA B 208 0.48 7.99 12.14
CA ALA B 208 0.90 6.68 11.63
C ALA B 208 -0.31 5.82 11.28
N GLN B 209 -1.30 5.78 12.18
CA GLN B 209 -2.49 4.97 11.94
C GLN B 209 -3.18 5.32 10.64
N LEU B 210 -3.17 6.61 10.28
CA LEU B 210 -3.83 7.03 9.04
C LEU B 210 -3.05 6.57 7.81
N LEU B 211 -1.73 6.74 7.82
CA LEU B 211 -0.91 6.37 6.69
C LEU B 211 -0.78 4.86 6.53
N LEU B 212 -1.01 4.09 7.60
CA LEU B 212 -0.99 2.64 7.47
C LEU B 212 -2.23 2.12 6.77
N ILE B 213 -3.37 2.81 6.93
CA ILE B 213 -4.57 2.45 6.20
C ILE B 213 -4.36 2.63 4.70
N LEU B 214 -3.50 3.58 4.32
CA LEU B 214 -3.19 3.77 2.91
C LEU B 214 -2.51 2.54 2.32
N SER B 215 -1.81 1.76 3.15
CA SER B 215 -1.29 0.47 2.68
C SER B 215 -2.43 -0.48 2.35
N HIS B 216 -3.46 -0.51 3.20
CA HIS B 216 -4.62 -1.36 2.91
CA HIS B 216 -4.61 -1.37 2.92
C HIS B 216 -5.40 -0.86 1.72
N ILE B 217 -5.56 0.47 1.61
CA ILE B 217 -6.27 1.04 0.47
C ILE B 217 -5.56 0.67 -0.83
N ARG B 218 -4.22 0.70 -0.82
CA ARG B 218 -3.47 0.22 -1.98
C ARG B 218 -3.73 -1.26 -2.24
N HIS B 219 -3.82 -2.06 -1.17
CA HIS B 219 -4.10 -3.48 -1.34
C HIS B 219 -5.47 -3.69 -2.00
N MET B 220 -6.47 -2.95 -1.55
CA MET B 220 -7.81 -3.08 -2.14
C MET B 220 -7.80 -2.66 -3.60
N SER B 221 -7.14 -1.55 -3.92
CA SER B 221 -7.04 -1.12 -5.32
C SER B 221 -6.39 -2.18 -6.18
N ASN B 222 -5.25 -2.74 -5.73
CA ASN B 222 -4.55 -3.75 -6.51
C ASN B 222 -5.43 -4.97 -6.73
N LYS B 223 -5.96 -5.54 -5.65
CA LYS B 223 -6.88 -6.67 -5.79
C LYS B 223 -8.10 -6.28 -6.61
N GLY B 224 -8.62 -5.07 -6.39
CA GLY B 224 -9.74 -4.62 -7.19
C GLY B 224 -9.39 -4.43 -8.65
N MET B 225 -8.23 -3.84 -8.93
CA MET B 225 -7.79 -3.66 -10.30
C MET B 225 -7.67 -4.99 -11.02
N GLU B 226 -7.12 -6.00 -10.33
CA GLU B 226 -7.02 -7.34 -10.91
C GLU B 226 -8.39 -7.90 -11.24
N HIS B 227 -9.40 -7.58 -10.43
CA HIS B 227 -10.75 -8.05 -10.69
C HIS B 227 -11.39 -7.34 -11.88
N LEU B 228 -11.06 -6.07 -12.08
CA LEU B 228 -11.64 -5.33 -13.20
C LEU B 228 -11.13 -5.83 -14.54
N TYR B 229 -9.85 -6.20 -14.62
CA TYR B 229 -9.30 -6.71 -15.87
C TYR B 229 -9.92 -8.03 -16.27
N SER B 230 -10.32 -8.85 -15.28
CA SER B 230 -10.93 -10.13 -15.60
C SER B 230 -12.31 -9.95 -16.24
N MET B 231 -13.08 -8.96 -15.76
CA MET B 231 -14.42 -8.75 -16.30
C MET B 231 -14.37 -8.12 -17.69
N LYS B 232 -13.32 -7.35 -17.99
CA LYS B 232 -13.14 -6.87 -19.37
C LYS B 232 -13.00 -8.05 -20.32
N CYS B 233 -12.24 -9.07 -19.91
CA CYS B 233 -12.17 -10.30 -20.70
C CYS B 233 -13.44 -11.12 -20.58
N LYS B 234 -14.10 -11.07 -19.42
CA LYS B 234 -15.40 -11.72 -19.26
C LYS B 234 -16.49 -11.00 -20.04
N ASN B 235 -16.31 -9.70 -20.30
CA ASN B 235 -17.24 -8.91 -21.13
C ASN B 235 -18.66 -8.93 -20.57
N VAL B 236 -18.78 -8.79 -19.25
CA VAL B 236 -20.09 -8.72 -18.62
C VAL B 236 -20.51 -7.29 -18.29
N VAL B 237 -19.56 -6.37 -18.16
CA VAL B 237 -19.86 -4.99 -17.78
C VAL B 237 -20.24 -4.19 -19.02
N PRO B 238 -21.12 -3.17 -18.88
CA PRO B 238 -21.43 -2.31 -20.03
C PRO B 238 -20.26 -1.44 -20.46
N LEU B 239 -20.55 -0.43 -21.27
CA LEU B 239 -19.50 0.36 -21.92
C LEU B 239 -18.96 1.44 -20.99
N SER B 240 -17.68 1.78 -21.20
CA SER B 240 -16.99 2.82 -20.46
C SER B 240 -15.62 3.04 -21.08
N ASP B 241 -15.47 4.13 -21.86
CA ASP B 241 -14.25 4.31 -22.64
C ASP B 241 -13.08 4.79 -21.80
N LEU B 242 -13.33 5.68 -20.83
CA LEU B 242 -12.23 6.18 -20.01
C LEU B 242 -11.74 5.12 -19.03
N LEU B 243 -12.66 4.33 -18.46
CA LEU B 243 -12.25 3.27 -17.55
C LEU B 243 -11.40 2.23 -18.25
N LEU B 244 -11.64 1.99 -19.54
CA LEU B 244 -10.80 1.06 -20.28
C LEU B 244 -9.37 1.58 -20.41
N GLU B 245 -9.22 2.88 -20.67
CA GLU B 245 -7.88 3.46 -20.74
C GLU B 245 -7.24 3.53 -19.35
N MET B 246 -8.05 3.67 -18.31
CA MET B 246 -7.52 3.64 -16.94
C MET B 246 -7.16 2.22 -16.52
N LEU B 247 -8.00 1.25 -16.89
CA LEU B 247 -7.72 -0.14 -16.52
C LEU B 247 -6.53 -0.70 -17.28
N ASP B 248 -6.38 -0.32 -18.55
CA ASP B 248 -5.24 -0.79 -19.34
C ASP B 248 -3.95 -0.11 -18.93
N ALA B 249 -4.02 1.00 -18.21
CA ALA B 249 -2.80 1.62 -17.68
C ALA B 249 -2.12 0.70 -16.67
N HIS B 250 -2.87 -0.16 -16.01
CA HIS B 250 -2.34 -1.16 -15.10
C HIS B 250 -2.09 -2.50 -15.79
N ARG B 251 -2.28 -2.58 -17.10
CA ARG B 251 -2.03 -3.80 -17.85
C ARG B 251 -1.06 -3.54 -18.99
N HIS C 2 -2.77 -29.91 7.59
CA HIS C 2 -3.38 -28.98 6.66
C HIS C 2 -2.35 -28.03 6.07
N LYS C 3 -1.92 -27.06 6.87
CA LYS C 3 -0.95 -26.06 6.45
C LYS C 3 0.40 -26.32 7.11
N ILE C 4 1.47 -26.17 6.32
CA ILE C 4 2.81 -26.29 6.88
C ILE C 4 3.12 -25.10 7.78
N LEU C 5 2.51 -23.94 7.50
CA LEU C 5 2.75 -22.75 8.30
C LEU C 5 2.34 -22.97 9.76
N HIS C 6 1.34 -23.82 10.00
CA HIS C 6 0.98 -24.18 11.36
C HIS C 6 2.14 -24.84 12.09
N ARG C 7 2.77 -25.82 11.43
CA ARG C 7 3.83 -26.59 12.09
C ARG C 7 5.03 -25.71 12.41
N LEU C 8 5.46 -24.89 11.46
CA LEU C 8 6.64 -24.06 11.66
C LEU C 8 6.43 -23.01 12.74
N LEU C 9 5.19 -22.63 13.01
CA LEU C 9 4.90 -21.62 14.03
C LEU C 9 4.85 -22.18 15.45
N GLN C 10 4.69 -23.49 15.58
CA GLN C 10 4.66 -24.12 16.90
C GLN C 10 6.00 -24.69 17.33
N ASP C 11 6.92 -24.91 16.39
CA ASP C 11 8.23 -25.46 16.73
C ASP C 11 9.20 -24.37 17.17
N LYS D 3 -5.77 9.68 -25.97
CA LYS D 3 -5.78 9.47 -24.52
C LYS D 3 -6.78 10.41 -23.86
N ILE D 4 -7.89 9.84 -23.38
CA ILE D 4 -8.97 10.66 -22.82
C ILE D 4 -8.47 11.43 -21.61
N LEU D 5 -7.60 10.81 -20.80
CA LEU D 5 -7.09 11.47 -19.61
C LEU D 5 -6.24 12.69 -19.97
N HIS D 6 -5.55 12.66 -21.12
CA HIS D 6 -4.81 13.82 -21.58
C HIS D 6 -5.74 14.98 -21.89
N ARG D 7 -6.80 14.71 -22.65
CA ARG D 7 -7.73 15.78 -23.04
C ARG D 7 -8.41 16.39 -21.83
N LEU D 8 -8.94 15.55 -20.94
CA LEU D 8 -9.64 16.06 -19.77
C LEU D 8 -8.72 16.86 -18.86
N LEU D 9 -7.44 16.52 -18.81
CA LEU D 9 -6.48 17.33 -18.08
C LEU D 9 -6.16 18.63 -18.81
N GLN D 10 -6.38 18.68 -20.12
CA GLN D 10 -6.09 19.86 -20.93
C GLN D 10 -7.33 20.71 -21.21
N ASP D 11 -8.50 20.32 -20.71
CA ASP D 11 -9.72 21.06 -21.01
C ASP D 11 -9.67 22.45 -20.41
N SER D 12 -10.11 23.44 -21.19
CA SER D 12 -10.11 24.84 -20.79
C SER D 12 -8.71 25.32 -20.38
C01 7J9 E . 11.88 -12.16 -4.81
C02 7J9 E . 11.90 -10.86 -5.58
C03 7J9 E . 10.49 -10.30 -5.68
C04 7J9 E . 9.84 -11.39 -6.58
C05 7J9 E . 11.34 -13.05 -5.67
C06 7J9 E . 11.08 -12.23 -6.93
O01 7J9 E . 12.12 -11.28 -6.90
C07 7J9 E . 12.59 -12.29 -3.67
C08 7J9 E . 10.82 -14.29 -5.54
C09 7J9 E . 12.78 -11.22 -2.88
C10 7J9 E . 13.48 -11.31 -1.74
C11 7J9 E . 14.03 -12.47 -1.34
C12 7J9 E . 13.86 -13.54 -2.13
C13 7J9 E . 13.16 -13.46 -3.28
C14 7J9 E . 11.06 -15.23 -6.48
C15 7J9 E . 10.57 -16.47 -6.39
C16 7J9 E . 9.81 -16.88 -5.37
C17 7J9 E . 9.57 -15.95 -4.43
C18 7J9 E . 10.06 -14.70 -4.50
O02 7J9 E . 14.75 -12.53 -0.20
O03 7J9 E . 9.36 -18.18 -5.38
S01 7J9 E . 8.99 -10.79 -8.01
O07 7J9 E . 9.88 -10.31 -9.07
O08 7J9 E . 7.72 -10.12 -7.76
O04 7J9 E . 8.40 -12.08 -8.92
C01 7J9 F . -16.17 0.53 -6.93
C02 7J9 F . -15.95 -0.40 -5.73
C03 7J9 F . -14.53 -1.01 -5.79
C04 7J9 F . -14.66 -1.77 -7.13
C05 7J9 F . -16.34 -0.30 -7.99
C06 7J9 F . -16.18 -1.67 -7.37
O01 7J9 F . -16.72 -1.52 -6.07
C07 7J9 F . -16.36 1.85 -6.73
C08 7J9 F . -16.06 -0.17 -9.31
C09 7J9 F . -15.94 2.41 -5.58
C10 7J9 F . -16.11 3.72 -5.31
C11 7J9 F . -16.70 4.53 -6.20
C12 7J9 F . -17.12 3.98 -7.36
C13 7J9 F . -16.95 2.67 -7.61
C14 7J9 F . -16.68 -0.95 -10.21
C15 7J9 F . -16.42 -0.86 -11.53
C16 7J9 F . -15.51 -0.01 -12.04
C17 7J9 F . -14.88 0.76 -11.14
C18 7J9 F . -15.14 0.68 -9.81
O02 7J9 F . -16.87 5.85 -5.94
O03 7J9 F . -15.31 0.01 -13.39
S01 7J9 F . -14.08 -3.45 -7.14
O07 7J9 F . -14.69 -4.29 -6.12
O08 7J9 F . -14.79 -4.28 -8.43
O04 7J9 F . -12.69 -3.65 -7.56
#